data_1ADW
#
_entry.id   1ADW
#
_cell.length_a   110.000
_cell.length_b   58.400
_cell.length_c   69.200
_cell.angle_alpha   90.00
_cell.angle_beta   127.00
_cell.angle_gamma   90.00
#
_symmetry.space_group_name_H-M   'C 1 2 1'
#
loop_
_entity.id
_entity.type
_entity.pdbx_description
1 polymer PSEUDOAZURIN
2 non-polymer 'COPPER (II) ION'
3 water water
#
_entity_poly.entity_id   1
_entity_poly.type   'polypeptide(L)'
_entity_poly.pdbx_seq_one_letter_code
;ATHEVHMLNKGESGAMVFEPAFVRAEPGDVINFVPTDKSHNVEAIKEILPEGVESFKSKINESYTLTVTEPGLYGVKCTP
HFGMGMVGLVQVGDAPENLDAAKTAKMPKKARERMDAELAQVN
;
_entity_poly.pdbx_strand_id   A,B
#
loop_
_chem_comp.id
_chem_comp.type
_chem_comp.name
_chem_comp.formula
CU non-polymer 'COPPER (II) ION' 'Cu 2'
#
# COMPACT_ATOMS: atom_id res chain seq x y z
N ALA A 1 2.04 12.72 15.56
CA ALA A 1 2.33 11.26 15.35
C ALA A 1 3.47 11.11 14.35
N THR A 2 4.12 9.95 14.41
CA THR A 2 5.24 9.63 13.54
C THR A 2 4.85 8.52 12.58
N HIS A 3 5.39 8.60 11.37
CA HIS A 3 5.13 7.59 10.34
C HIS A 3 6.46 7.21 9.76
N GLU A 4 6.66 5.92 9.53
CA GLU A 4 7.92 5.46 8.96
C GLU A 4 7.71 4.90 7.56
N VAL A 5 8.57 5.32 6.63
CA VAL A 5 8.52 4.86 5.24
C VAL A 5 9.89 4.30 4.89
N HIS A 6 9.92 3.08 4.39
CA HIS A 6 11.18 2.44 4.00
C HIS A 6 11.46 2.58 2.53
N MET A 7 12.75 2.72 2.20
CA MET A 7 13.21 2.79 0.82
C MET A 7 13.77 1.39 0.60
N LEU A 8 13.16 0.65 -0.32
CA LEU A 8 13.55 -0.73 -0.59
C LEU A 8 13.82 -1.06 -2.06
N ASN A 9 14.70 -2.03 -2.26
CA ASN A 9 15.05 -2.52 -3.59
C ASN A 9 13.92 -3.43 -4.03
N LYS A 10 13.39 -4.21 -3.09
CA LYS A 10 12.29 -5.12 -3.35
C LYS A 10 11.32 -5.12 -2.16
N GLY A 11 10.11 -4.65 -2.37
CA GLY A 11 9.15 -4.64 -1.28
C GLY A 11 8.03 -5.62 -1.58
N GLU A 12 6.95 -5.48 -0.81
CA GLU A 12 5.79 -6.35 -0.98
C GLU A 12 4.96 -6.07 -2.22
N SER A 13 5.12 -4.88 -2.82
CA SER A 13 4.37 -4.50 -4.01
C SER A 13 5.16 -4.47 -5.30
N GLY A 14 6.48 -4.46 -5.21
CA GLY A 14 7.30 -4.43 -6.41
C GLY A 14 8.73 -4.11 -6.13
N ALA A 15 9.46 -3.70 -7.17
CA ALA A 15 10.86 -3.35 -7.04
C ALA A 15 11.05 -1.85 -7.04
N MET A 16 12.09 -1.38 -6.37
CA MET A 16 12.39 0.04 -6.25
C MET A 16 11.12 0.73 -5.72
N VAL A 17 10.86 0.56 -4.42
CA VAL A 17 9.66 1.13 -3.82
C VAL A 17 9.82 1.85 -2.47
N PHE A 18 8.90 2.78 -2.22
CA PHE A 18 8.82 3.46 -0.93
C PHE A 18 7.78 2.55 -0.28
N GLU A 19 7.99 2.14 0.95
CA GLU A 19 7.01 1.26 1.57
C GLU A 19 6.74 1.62 3.02
N PRO A 20 5.49 2.02 3.33
CA PRO A 20 4.33 2.16 2.44
C PRO A 20 4.51 3.30 1.45
N ALA A 21 3.88 3.18 0.29
CA ALA A 21 4.01 4.22 -0.74
C ALA A 21 2.97 5.32 -0.56
N PHE A 22 2.00 5.06 0.30
CA PHE A 22 0.95 6.01 0.60
C PHE A 22 0.83 6.11 2.13
N VAL A 23 0.90 7.34 2.65
CA VAL A 23 0.80 7.61 4.08
C VAL A 23 -0.26 8.69 4.29
N ARG A 24 -1.17 8.43 5.22
CA ARG A 24 -2.24 9.39 5.54
C ARG A 24 -1.86 10.06 6.87
N ALA A 25 -1.45 11.32 6.80
CA ALA A 25 -1.02 12.06 7.97
C ALA A 25 -1.92 13.25 8.31
N GLU A 26 -1.64 13.86 9.45
CA GLU A 26 -2.38 15.00 9.95
C GLU A 26 -1.34 16.11 10.08
N PRO A 27 -1.78 17.38 10.04
CA PRO A 27 -0.80 18.46 10.17
C PRO A 27 -0.02 18.31 11.48
N GLY A 28 1.28 18.55 11.46
CA GLY A 28 2.11 18.40 12.65
C GLY A 28 2.75 17.03 12.80
N ASP A 29 2.45 16.12 11.86
CA ASP A 29 2.99 14.77 11.89
C ASP A 29 4.41 14.74 11.32
N VAL A 30 5.17 13.74 11.75
CA VAL A 30 6.53 13.56 11.29
C VAL A 30 6.59 12.30 10.42
N ILE A 31 7.25 12.41 9.28
CA ILE A 31 7.41 11.29 8.37
C ILE A 31 8.88 10.99 8.28
N ASN A 32 9.28 9.81 8.72
CA ASN A 32 10.67 9.43 8.66
C ASN A 32 10.93 8.52 7.45
N PHE A 33 11.81 8.97 6.55
CA PHE A 33 12.17 8.15 5.38
C PHE A 33 13.47 7.42 5.72
N VAL A 34 13.35 6.11 5.87
CA VAL A 34 14.45 5.25 6.25
C VAL A 34 14.95 4.37 5.12
N PRO A 35 16.24 4.52 4.75
CA PRO A 35 16.83 3.70 3.69
C PRO A 35 17.18 2.33 4.23
N THR A 36 16.27 1.38 4.07
CA THR A 36 16.50 0.01 4.53
C THR A 36 17.55 -0.63 3.61
N ASP A 37 17.57 -0.21 2.36
CA ASP A 37 18.54 -0.70 1.39
C ASP A 37 19.31 0.52 0.93
N LYS A 38 20.52 0.33 0.45
CA LYS A 38 21.35 1.43 0.00
C LYS A 38 21.04 1.84 -1.44
N SER A 39 21.45 3.06 -1.80
CA SER A 39 21.32 3.68 -3.12
C SER A 39 20.09 4.55 -3.30
N HIS A 40 19.32 4.73 -2.22
CA HIS A 40 18.10 5.52 -2.29
C HIS A 40 18.15 6.83 -1.52
N ASN A 41 17.31 7.76 -1.93
CA ASN A 41 17.17 9.06 -1.29
C ASN A 41 15.70 9.43 -1.47
N VAL A 42 15.28 10.58 -0.96
CA VAL A 42 13.91 11.03 -1.10
C VAL A 42 14.01 12.50 -1.47
N GLU A 43 13.28 12.88 -2.50
CA GLU A 43 13.27 14.25 -2.97
C GLU A 43 11.82 14.59 -3.31
N ALA A 44 11.41 15.82 -3.02
CA ALA A 44 10.05 16.23 -3.31
C ALA A 44 9.82 16.37 -4.80
N ILE A 45 8.62 16.02 -5.24
CA ILE A 45 8.26 16.20 -6.65
C ILE A 45 7.63 17.58 -6.59
N LYS A 46 8.35 18.62 -7.01
CA LYS A 46 7.84 20.00 -6.96
C LYS A 46 6.42 20.29 -7.42
N GLU A 47 5.92 19.56 -8.40
CA GLU A 47 4.54 19.78 -8.89
C GLU A 47 3.50 19.33 -7.87
N ILE A 48 3.87 18.37 -7.02
CA ILE A 48 2.97 17.83 -6.01
C ILE A 48 3.37 18.25 -4.62
N LEU A 49 3.17 19.51 -4.30
CA LEU A 49 3.47 20.06 -2.99
C LEU A 49 2.45 21.12 -2.62
N PRO A 50 2.05 21.16 -1.34
CA PRO A 50 1.07 22.17 -0.92
C PRO A 50 1.72 23.57 -1.09
N GLU A 51 0.87 24.57 -1.16
CA GLU A 51 1.31 25.95 -1.30
C GLU A 51 2.14 26.30 -0.07
N GLY A 52 3.30 26.90 -0.27
CA GLY A 52 4.12 27.30 0.86
C GLY A 52 5.12 26.31 1.45
N VAL A 53 5.22 25.09 0.90
CA VAL A 53 6.22 24.19 1.44
C VAL A 53 7.44 24.17 0.51
N GLU A 54 8.61 24.30 1.13
CA GLU A 54 9.89 24.29 0.42
C GLU A 54 10.22 22.89 -0.09
N SER A 55 10.86 22.83 -1.27
CA SER A 55 11.29 21.59 -1.86
C SER A 55 12.40 21.02 -0.99
N PHE A 56 12.56 19.71 -1.00
CA PHE A 56 13.59 19.06 -0.19
C PHE A 56 14.26 17.93 -0.95
N LYS A 57 15.52 17.66 -0.58
CA LYS A 57 16.31 16.59 -1.21
C LYS A 57 17.31 16.06 -0.22
N SER A 58 17.22 14.77 0.11
CA SER A 58 18.16 14.17 1.07
C SER A 58 19.31 13.53 0.33
N LYS A 59 20.38 13.21 1.07
CA LYS A 59 21.55 12.58 0.47
C LYS A 59 21.30 11.07 0.41
N ILE A 60 21.94 10.40 -0.55
CA ILE A 60 21.79 8.97 -0.72
C ILE A 60 22.25 8.21 0.52
N ASN A 61 21.51 7.16 0.85
CA ASN A 61 21.76 6.31 2.01
C ASN A 61 21.47 6.98 3.36
N GLU A 62 20.89 8.17 3.33
CA GLU A 62 20.58 8.88 4.57
C GLU A 62 19.11 8.89 4.95
N SER A 63 18.84 8.98 6.25
CA SER A 63 17.48 9.07 6.76
C SER A 63 17.07 10.52 6.55
N TYR A 64 15.77 10.74 6.42
CA TYR A 64 15.27 12.09 6.25
C TYR A 64 14.00 12.21 7.06
N THR A 65 13.88 13.29 7.83
CA THR A 65 12.70 13.54 8.67
C THR A 65 11.89 14.71 8.12
N LEU A 66 10.69 14.40 7.62
CA LEU A 66 9.81 15.41 7.07
C LEU A 66 8.67 15.71 8.03
N THR A 67 8.57 16.96 8.45
CA THR A 67 7.50 17.40 9.34
C THR A 67 6.48 18.07 8.43
N VAL A 68 5.30 17.49 8.33
CA VAL A 68 4.26 18.03 7.46
C VAL A 68 3.36 18.96 8.23
N THR A 69 3.37 20.23 7.85
CA THR A 69 2.52 21.21 8.52
C THR A 69 1.31 21.55 7.67
N GLU A 70 1.55 21.89 6.41
CA GLU A 70 0.49 22.28 5.49
C GLU A 70 -0.32 21.11 4.97
N PRO A 71 -1.64 21.28 4.89
CA PRO A 71 -2.49 20.19 4.38
C PRO A 71 -2.33 20.13 2.86
N GLY A 72 -2.63 18.97 2.27
CA GLY A 72 -2.50 18.79 0.83
C GLY A 72 -1.71 17.52 0.55
N LEU A 73 -1.42 17.27 -0.72
CA LEU A 73 -0.67 16.07 -1.13
C LEU A 73 0.80 16.39 -1.29
N TYR A 74 1.65 15.50 -0.82
CA TYR A 74 3.10 15.66 -0.95
C TYR A 74 3.58 14.48 -1.75
N GLY A 75 4.16 14.74 -2.91
CA GLY A 75 4.67 13.66 -3.74
C GLY A 75 6.17 13.57 -3.53
N VAL A 76 6.70 12.37 -3.37
CA VAL A 76 8.13 12.21 -3.17
C VAL A 76 8.65 11.19 -4.17
N LYS A 77 9.93 11.30 -4.48
CA LYS A 77 10.56 10.39 -5.42
C LYS A 77 11.97 10.09 -4.96
N CYS A 78 12.55 9.05 -5.55
CA CYS A 78 13.94 8.70 -5.29
C CYS A 78 14.66 9.14 -6.56
N THR A 79 15.46 10.18 -6.45
CA THR A 79 16.19 10.76 -7.58
C THR A 79 16.76 9.80 -8.62
N PRO A 80 17.62 8.85 -8.21
CA PRO A 80 18.15 7.93 -9.22
C PRO A 80 17.18 6.90 -9.78
N HIS A 81 16.08 6.66 -9.09
CA HIS A 81 15.15 5.64 -9.55
C HIS A 81 13.77 6.13 -9.93
N PHE A 82 13.63 7.43 -10.15
CA PHE A 82 12.36 8.03 -10.55
C PHE A 82 11.85 7.29 -11.79
N GLY A 83 12.74 7.11 -12.76
CA GLY A 83 12.41 6.45 -14.02
C GLY A 83 11.94 5.02 -13.86
N MET A 84 12.42 4.36 -12.83
CA MET A 84 12.02 2.98 -12.54
C MET A 84 10.77 2.95 -11.66
N GLY A 85 10.19 4.13 -11.41
CA GLY A 85 8.97 4.27 -10.62
C GLY A 85 9.01 4.35 -9.10
N MET A 86 10.17 4.66 -8.51
CA MET A 86 10.25 4.74 -7.06
C MET A 86 9.69 6.07 -6.52
N VAL A 87 8.36 6.17 -6.47
CA VAL A 87 7.66 7.36 -5.96
C VAL A 87 6.74 7.05 -4.79
N GLY A 88 6.45 8.06 -4.00
CA GLY A 88 5.59 7.92 -2.83
C GLY A 88 4.67 9.12 -2.73
N LEU A 89 3.55 8.95 -2.02
CA LEU A 89 2.56 10.00 -1.83
C LEU A 89 2.13 10.11 -0.37
N VAL A 90 2.10 11.34 0.14
CA VAL A 90 1.65 11.62 1.51
C VAL A 90 0.44 12.56 1.44
N GLN A 91 -0.65 12.19 2.10
CA GLN A 91 -1.84 13.03 2.12
C GLN A 91 -2.02 13.60 3.50
N VAL A 92 -1.89 14.92 3.63
CA VAL A 92 -2.06 15.56 4.92
C VAL A 92 -3.45 16.22 4.99
N GLY A 93 -4.31 15.69 5.86
CA GLY A 93 -5.65 16.24 6.02
C GLY A 93 -6.60 15.76 4.95
N ASP A 94 -7.85 16.20 5.06
CA ASP A 94 -8.88 15.81 4.10
C ASP A 94 -8.93 16.69 2.86
N ALA A 95 -9.64 16.22 1.85
CA ALA A 95 -9.82 16.93 0.60
C ALA A 95 -8.58 17.73 0.18
N PRO A 96 -7.56 17.03 -0.34
CA PRO A 96 -6.33 17.67 -0.78
C PRO A 96 -6.65 18.72 -1.83
N GLU A 97 -6.21 19.94 -1.58
CA GLU A 97 -6.44 21.05 -2.49
C GLU A 97 -5.71 20.88 -3.82
N ASN A 98 -4.56 20.22 -3.80
CA ASN A 98 -3.75 20.00 -5.02
C ASN A 98 -3.91 18.65 -5.68
N LEU A 99 -5.05 18.01 -5.46
CA LEU A 99 -5.33 16.70 -6.03
C LEU A 99 -5.17 16.67 -7.54
N ASP A 100 -5.58 17.74 -8.21
CA ASP A 100 -5.46 17.78 -9.66
C ASP A 100 -4.07 17.95 -10.21
N ALA A 101 -3.17 18.48 -9.40
CA ALA A 101 -1.78 18.67 -9.80
C ALA A 101 -1.13 17.28 -9.77
N ALA A 102 -1.48 16.52 -8.72
CA ALA A 102 -0.97 15.18 -8.53
C ALA A 102 -1.45 14.28 -9.66
N LYS A 103 -2.70 14.48 -10.06
CA LYS A 103 -3.31 13.68 -11.12
C LYS A 103 -2.78 13.97 -12.51
N THR A 104 -2.29 15.18 -12.73
CA THR A 104 -1.81 15.55 -14.05
C THR A 104 -0.32 15.83 -14.17
N ALA A 105 0.41 15.81 -13.06
CA ALA A 105 1.86 16.07 -13.11
C ALA A 105 2.56 15.16 -14.12
N LYS A 106 3.32 15.78 -15.03
CA LYS A 106 4.04 15.05 -16.07
C LYS A 106 5.23 14.33 -15.44
N MET A 107 5.33 13.04 -15.70
CA MET A 107 6.44 12.27 -15.14
C MET A 107 6.69 10.98 -15.93
N PRO A 108 7.85 10.33 -15.69
CA PRO A 108 8.23 9.07 -16.36
C PRO A 108 7.09 8.05 -16.25
N LYS A 109 6.79 7.33 -17.34
CA LYS A 109 5.67 6.39 -17.31
C LYS A 109 5.50 5.48 -16.10
N LYS A 110 6.55 4.80 -15.66
CA LYS A 110 6.43 3.90 -14.52
C LYS A 110 6.04 4.66 -13.24
N ALA A 111 6.62 5.85 -13.08
CA ALA A 111 6.35 6.70 -11.92
C ALA A 111 4.90 7.17 -11.96
N ARG A 112 4.44 7.50 -13.16
CA ARG A 112 3.07 7.94 -13.38
C ARG A 112 2.10 6.78 -13.10
N GLU A 113 2.47 5.57 -13.48
CA GLU A 113 1.61 4.41 -13.21
C GLU A 113 1.49 4.16 -11.71
N ARG A 114 2.60 4.32 -10.99
CA ARG A 114 2.59 4.11 -9.56
C ARG A 114 1.92 5.23 -8.80
N MET A 115 2.08 6.46 -9.27
CA MET A 115 1.46 7.62 -8.64
C MET A 115 -0.07 7.46 -8.72
N ASP A 116 -0.56 7.01 -9.87
CA ASP A 116 -1.99 6.81 -10.09
C ASP A 116 -2.54 5.76 -9.15
N ALA A 117 -1.76 4.72 -8.91
CA ALA A 117 -2.15 3.63 -8.03
C ALA A 117 -2.27 4.17 -6.61
N GLU A 118 -1.34 5.05 -6.24
CA GLU A 118 -1.33 5.67 -4.93
C GLU A 118 -2.46 6.69 -4.80
N LEU A 119 -2.77 7.41 -5.88
CA LEU A 119 -3.86 8.39 -5.86
C LEU A 119 -5.19 7.74 -5.60
N ALA A 120 -5.31 6.45 -5.95
CA ALA A 120 -6.54 5.71 -5.74
C ALA A 120 -6.83 5.45 -4.28
N GLN A 121 -5.85 5.70 -3.41
CA GLN A 121 -6.06 5.48 -1.98
C GLN A 121 -6.47 6.78 -1.30
N VAL A 122 -6.53 7.86 -2.08
CA VAL A 122 -6.86 9.16 -1.56
C VAL A 122 -8.29 9.38 -1.09
N ASN A 123 -8.39 9.98 0.09
CA ASN A 123 -9.63 10.35 0.81
C ASN A 123 -10.34 9.18 1.48
N ALA B 1 9.90 -17.59 -0.22
CA ALA B 1 10.04 -16.33 0.57
C ALA B 1 8.85 -16.15 1.48
N THR B 2 9.06 -15.38 2.54
CA THR B 2 8.04 -15.09 3.53
C THR B 2 7.58 -13.66 3.45
N HIS B 3 6.29 -13.45 3.69
CA HIS B 3 5.70 -12.13 3.66
C HIS B 3 4.89 -11.98 4.94
N GLU B 4 4.98 -10.80 5.55
CA GLU B 4 4.24 -10.52 6.78
C GLU B 4 3.16 -9.44 6.56
N VAL B 5 1.95 -9.73 7.02
CA VAL B 5 0.84 -8.80 6.91
C VAL B 5 0.28 -8.59 8.31
N HIS B 6 0.18 -7.32 8.72
CA HIS B 6 -0.35 -7.00 10.03
C HIS B 6 -1.83 -6.67 9.99
N MET B 7 -2.54 -7.09 11.04
CA MET B 7 -3.95 -6.77 11.21
C MET B 7 -3.93 -5.63 12.23
N LEU B 8 -4.37 -4.45 11.79
CA LEU B 8 -4.34 -3.26 12.63
C LEU B 8 -5.65 -2.51 12.75
N ASN B 9 -5.84 -1.86 13.90
CA ASN B 9 -7.00 -1.03 14.16
C ASN B 9 -6.81 0.29 13.41
N LYS B 10 -5.57 0.77 13.39
CA LYS B 10 -5.23 2.02 12.71
C LYS B 10 -3.86 1.86 12.04
N GLY B 11 -3.82 1.91 10.73
CA GLY B 11 -2.55 1.78 10.05
C GLY B 11 -2.21 3.08 9.35
N GLU B 12 -1.21 3.03 8.47
CA GLU B 12 -0.76 4.19 7.70
C GLU B 12 -1.73 4.66 6.62
N SER B 13 -2.67 3.80 6.24
CA SER B 13 -3.63 4.15 5.21
C SER B 13 -5.04 4.35 5.70
N GLY B 14 -5.34 3.90 6.92
CA GLY B 14 -6.70 4.08 7.42
C GLY B 14 -6.99 3.23 8.63
N ALA B 15 -8.26 3.07 8.95
CA ALA B 15 -8.67 2.30 10.12
C ALA B 15 -9.14 0.91 9.70
N MET B 16 -9.00 -0.06 10.59
CA MET B 16 -9.37 -1.45 10.32
C MET B 16 -8.70 -1.87 8.99
N VAL B 17 -7.40 -2.14 9.05
CA VAL B 17 -6.67 -2.50 7.84
C VAL B 17 -5.68 -3.65 7.93
N PHE B 18 -5.47 -4.30 6.78
CA PHE B 18 -4.46 -5.35 6.67
C PHE B 18 -3.30 -4.48 6.18
N GLU B 19 -2.12 -4.63 6.76
CA GLU B 19 -1.01 -3.80 6.31
C GLU B 19 0.30 -4.58 6.19
N PRO B 20 0.83 -4.68 4.95
CA PRO B 20 0.33 -4.12 3.69
C PRO B 20 -0.96 -4.80 3.23
N ALA B 21 -1.79 -4.08 2.52
CA ALA B 21 -3.06 -4.63 2.05
C ALA B 21 -2.90 -5.34 0.71
N PHE B 22 -1.76 -5.13 0.07
CA PHE B 22 -1.45 -5.76 -1.21
C PHE B 22 -0.06 -6.38 -1.09
N VAL B 23 0.04 -7.68 -1.40
CA VAL B 23 1.29 -8.42 -1.35
C VAL B 23 1.47 -9.14 -2.71
N ARG B 24 2.65 -8.98 -3.29
CA ARG B 24 2.99 -9.63 -4.54
C ARG B 24 3.88 -10.82 -4.22
N ALA B 25 3.34 -12.03 -4.34
CA ALA B 25 4.08 -13.24 -4.03
C ALA B 25 4.32 -14.14 -5.25
N GLU B 26 5.09 -15.20 -5.04
CA GLU B 26 5.44 -16.14 -6.08
C GLU B 26 4.93 -17.47 -5.55
N PRO B 27 4.66 -18.44 -6.44
CA PRO B 27 4.18 -19.74 -5.95
C PRO B 27 5.18 -20.34 -4.97
N GLY B 28 4.69 -20.93 -3.88
CA GLY B 28 5.56 -21.51 -2.87
C GLY B 28 5.91 -20.54 -1.73
N ASP B 29 5.41 -19.31 -1.82
CA ASP B 29 5.66 -18.29 -0.79
C ASP B 29 4.74 -18.49 0.41
N VAL B 30 5.18 -18.01 1.56
CA VAL B 30 4.41 -18.11 2.78
C VAL B 30 3.97 -16.70 3.19
N ILE B 31 2.71 -16.56 3.55
CA ILE B 31 2.16 -15.27 3.95
C ILE B 31 1.73 -15.41 5.40
N ASN B 32 2.34 -14.63 6.27
CA ASN B 32 1.98 -14.72 7.68
C ASN B 32 1.09 -13.56 8.08
N PHE B 33 -0.11 -13.86 8.54
CA PHE B 33 -1.05 -12.84 8.99
C PHE B 33 -0.87 -12.73 10.51
N VAL B 34 -0.37 -11.57 10.92
CA VAL B 34 -0.07 -11.28 12.31
C VAL B 34 -1.01 -10.27 12.94
N PRO B 35 -1.72 -10.67 13.99
CA PRO B 35 -2.64 -9.74 14.65
C PRO B 35 -1.87 -8.83 15.59
N THR B 36 -1.48 -7.68 15.08
CA THR B 36 -0.75 -6.72 15.90
C THR B 36 -1.72 -6.14 16.93
N ASP B 37 -2.98 -6.05 16.57
CA ASP B 37 -4.00 -5.56 17.47
C ASP B 37 -4.98 -6.72 17.60
N LYS B 38 -5.73 -6.72 18.69
CA LYS B 38 -6.71 -7.77 18.93
C LYS B 38 -8.03 -7.47 18.24
N SER B 39 -8.84 -8.51 18.09
CA SER B 39 -10.19 -8.49 17.51
C SER B 39 -10.25 -8.83 16.04
N HIS B 40 -9.11 -9.15 15.44
CA HIS B 40 -9.04 -9.46 14.02
C HIS B 40 -8.72 -10.91 13.71
N ASN B 41 -9.09 -11.31 12.51
CA ASN B 41 -8.85 -12.65 11.99
C ASN B 41 -8.70 -12.46 10.47
N VAL B 42 -8.43 -13.54 9.76
CA VAL B 42 -8.31 -13.47 8.31
C VAL B 42 -9.10 -14.64 7.76
N GLU B 43 -9.93 -14.36 6.78
CA GLU B 43 -10.73 -15.38 6.15
C GLU B 43 -10.72 -15.10 4.65
N ALA B 44 -10.70 -16.15 3.85
CA ALA B 44 -10.69 -15.99 2.42
C ALA B 44 -12.03 -15.48 1.91
N ILE B 45 -11.99 -14.64 0.89
CA ILE B 45 -13.19 -14.16 0.25
C ILE B 45 -13.35 -15.19 -0.86
N LYS B 46 -14.22 -16.17 -0.67
CA LYS B 46 -14.41 -17.24 -1.67
C LYS B 46 -14.51 -16.89 -3.16
N GLU B 47 -15.04 -15.73 -3.50
CA GLU B 47 -15.15 -15.33 -4.90
C GLU B 47 -13.78 -14.98 -5.49
N ILE B 48 -12.83 -14.59 -4.64
CA ILE B 48 -11.50 -14.22 -5.08
C ILE B 48 -10.47 -15.22 -4.63
N LEU B 49 -10.49 -16.38 -5.27
CA LEU B 49 -9.54 -17.45 -4.98
C LEU B 49 -9.21 -18.22 -6.25
N PRO B 50 -7.94 -18.62 -6.39
CA PRO B 50 -7.55 -19.38 -7.59
C PRO B 50 -8.27 -20.72 -7.58
N GLU B 51 -8.41 -21.32 -8.75
CA GLU B 51 -9.07 -22.61 -8.91
C GLU B 51 -8.29 -23.63 -8.11
N GLY B 52 -8.99 -24.42 -7.31
CA GLY B 52 -8.29 -25.44 -6.55
C GLY B 52 -7.78 -25.10 -5.16
N VAL B 53 -7.95 -23.87 -4.68
CA VAL B 53 -7.50 -23.58 -3.32
C VAL B 53 -8.71 -23.58 -2.37
N GLU B 54 -8.54 -24.29 -1.25
CA GLU B 54 -9.57 -24.39 -0.22
C GLU B 54 -9.74 -23.07 0.53
N SER B 55 -10.97 -22.80 0.93
CA SER B 55 -11.29 -21.60 1.70
C SER B 55 -10.65 -21.78 3.07
N PHE B 56 -10.33 -20.67 3.73
CA PHE B 56 -9.72 -20.73 5.05
C PHE B 56 -10.30 -19.66 5.96
N LYS B 57 -10.24 -19.91 7.26
CA LYS B 57 -10.72 -18.98 8.29
C LYS B 57 -9.96 -19.21 9.60
N SER B 58 -9.25 -18.19 10.06
CA SER B 58 -8.48 -18.30 11.29
C SER B 58 -9.32 -17.82 12.47
N LYS B 59 -8.87 -18.12 13.69
CA LYS B 59 -9.57 -17.70 14.89
C LYS B 59 -9.11 -16.29 15.23
N ILE B 60 -9.98 -15.54 15.90
CA ILE B 60 -9.69 -14.17 16.30
C ILE B 60 -8.47 -14.12 17.20
N ASN B 61 -7.66 -13.08 17.02
CA ASN B 61 -6.45 -12.89 17.80
C ASN B 61 -5.36 -13.90 17.53
N GLU B 62 -5.51 -14.72 16.50
CA GLU B 62 -4.49 -15.71 16.17
C GLU B 62 -3.71 -15.39 14.91
N SER B 63 -2.50 -15.93 14.84
CA SER B 63 -1.66 -15.77 13.66
C SER B 63 -2.15 -16.83 12.70
N TYR B 64 -1.94 -16.60 11.41
CA TYR B 64 -2.34 -17.56 10.40
C TYR B 64 -1.25 -17.57 9.34
N THR B 65 -0.85 -18.76 8.93
CA THR B 65 0.17 -18.91 7.91
C THR B 65 -0.45 -19.49 6.65
N LEU B 66 -0.42 -18.71 5.59
CA LEU B 66 -0.95 -19.10 4.29
C LEU B 66 0.19 -19.39 3.31
N THR B 67 0.24 -20.62 2.81
CA THR B 67 1.24 -21.02 1.83
C THR B 67 0.53 -20.96 0.47
N VAL B 68 0.95 -20.03 -0.38
CA VAL B 68 0.32 -19.88 -1.68
C VAL B 68 1.03 -20.72 -2.73
N THR B 69 0.32 -21.68 -3.29
CA THR B 69 0.90 -22.53 -4.31
C THR B 69 0.38 -22.15 -5.70
N GLU B 70 -0.94 -22.03 -5.83
CA GLU B 70 -1.57 -21.70 -7.11
C GLU B 70 -1.46 -20.23 -7.46
N PRO B 71 -1.20 -19.94 -8.73
CA PRO B 71 -1.09 -18.53 -9.16
C PRO B 71 -2.51 -17.95 -9.27
N GLY B 72 -2.61 -16.62 -9.20
CA GLY B 72 -3.91 -15.96 -9.25
C GLY B 72 -4.05 -15.01 -8.07
N LEU B 73 -5.20 -14.37 -7.95
CA LEU B 73 -5.44 -13.42 -6.86
C LEU B 73 -6.13 -14.09 -5.68
N TYR B 74 -5.68 -13.78 -4.47
CA TYR B 74 -6.29 -14.30 -3.25
C TYR B 74 -6.84 -13.09 -2.50
N GLY B 75 -8.15 -13.05 -2.29
CA GLY B 75 -8.76 -11.95 -1.56
C GLY B 75 -8.97 -12.40 -0.12
N VAL B 76 -8.62 -11.58 0.86
CA VAL B 76 -8.82 -11.97 2.25
C VAL B 76 -9.59 -10.86 2.94
N LYS B 77 -10.28 -11.22 4.01
CA LYS B 77 -11.05 -10.25 4.76
C LYS B 77 -10.97 -10.59 6.24
N CYS B 78 -11.35 -9.63 7.07
CA CYS B 78 -11.42 -9.84 8.51
C CYS B 78 -12.93 -9.97 8.76
N THR B 79 -13.38 -11.16 9.11
CA THR B 79 -14.79 -11.47 9.34
C THR B 79 -15.64 -10.40 10.07
N PRO B 80 -15.22 -9.98 11.28
CA PRO B 80 -16.05 -8.97 11.95
C PRO B 80 -15.97 -7.56 11.38
N HIS B 81 -14.94 -7.28 10.59
CA HIS B 81 -14.79 -5.93 10.06
C HIS B 81 -14.85 -5.79 8.56
N PHE B 82 -15.41 -6.80 7.89
CA PHE B 82 -15.56 -6.78 6.44
C PHE B 82 -16.32 -5.51 6.05
N GLY B 83 -17.43 -5.25 6.77
CA GLY B 83 -18.28 -4.10 6.54
C GLY B 83 -17.58 -2.77 6.67
N MET B 84 -16.59 -2.73 7.57
CA MET B 84 -15.80 -1.53 7.77
C MET B 84 -14.62 -1.45 6.80
N GLY B 85 -14.55 -2.39 5.85
CA GLY B 85 -13.50 -2.38 4.85
C GLY B 85 -12.17 -3.08 5.09
N MET B 86 -12.08 -3.94 6.11
CA MET B 86 -10.83 -4.59 6.41
C MET B 86 -10.58 -5.77 5.47
N VAL B 87 -10.13 -5.48 4.25
CA VAL B 87 -9.82 -6.50 3.23
C VAL B 87 -8.39 -6.40 2.74
N GLY B 88 -7.89 -7.51 2.19
CA GLY B 88 -6.54 -7.55 1.67
C GLY B 88 -6.48 -8.37 0.39
N LEU B 89 -5.46 -8.15 -0.43
CA LEU B 89 -5.32 -8.84 -1.70
C LEU B 89 -3.90 -9.35 -1.90
N VAL B 90 -3.76 -10.60 -2.32
CA VAL B 90 -2.46 -11.22 -2.58
C VAL B 90 -2.42 -11.67 -4.05
N GLN B 91 -1.39 -11.24 -4.77
CA GLN B 91 -1.25 -11.63 -6.17
C GLN B 91 -0.10 -12.59 -6.34
N VAL B 92 -0.40 -13.83 -6.66
CA VAL B 92 0.63 -14.84 -6.86
C VAL B 92 0.89 -15.02 -8.37
N GLY B 93 2.07 -14.60 -8.80
CA GLY B 93 2.44 -14.72 -10.20
C GLY B 93 1.88 -13.62 -11.06
N ASP B 94 2.25 -13.63 -12.33
CA ASP B 94 1.80 -12.62 -13.28
C ASP B 94 0.44 -12.93 -13.89
N ALA B 95 -0.15 -11.92 -14.53
CA ALA B 95 -1.44 -12.03 -15.18
C ALA B 95 -2.41 -12.94 -14.45
N PRO B 96 -2.98 -12.46 -13.34
CA PRO B 96 -3.94 -13.22 -12.55
C PRO B 96 -5.11 -13.64 -13.43
N GLU B 97 -5.37 -14.93 -13.46
CA GLU B 97 -6.44 -15.48 -14.26
C GLU B 97 -7.83 -15.04 -13.76
N ASN B 98 -7.95 -14.80 -12.45
CA ASN B 98 -9.23 -14.42 -11.85
C ASN B 98 -9.40 -12.95 -11.57
N LEU B 99 -8.66 -12.13 -12.32
CA LEU B 99 -8.72 -10.69 -12.17
C LEU B 99 -10.13 -10.14 -12.28
N ASP B 100 -10.94 -10.70 -13.17
CA ASP B 100 -12.31 -10.22 -13.32
C ASP B 100 -13.27 -10.60 -12.21
N ALA B 101 -12.94 -11.65 -11.47
CA ALA B 101 -13.77 -12.08 -10.35
C ALA B 101 -13.53 -11.08 -9.22
N ALA B 102 -12.27 -10.70 -9.06
CA ALA B 102 -11.85 -9.74 -8.05
C ALA B 102 -12.46 -8.39 -8.33
N LYS B 103 -12.53 -8.03 -9.61
CA LYS B 103 -13.07 -6.75 -10.02
C LYS B 103 -14.59 -6.64 -9.88
N THR B 104 -15.29 -7.77 -9.97
CA THR B 104 -16.74 -7.74 -9.90
C THR B 104 -17.38 -8.39 -8.67
N ALA B 105 -16.58 -9.02 -7.81
CA ALA B 105 -17.11 -9.66 -6.62
C ALA B 105 -17.99 -8.68 -5.80
N LYS B 106 -19.21 -9.12 -5.50
CA LYS B 106 -20.15 -8.31 -4.75
C LYS B 106 -19.73 -8.28 -3.29
N MET B 107 -19.62 -7.09 -2.73
CA MET B 107 -19.21 -6.96 -1.35
C MET B 107 -19.62 -5.61 -0.76
N PRO B 108 -19.59 -5.48 0.59
CA PRO B 108 -19.95 -4.24 1.30
C PRO B 108 -19.21 -3.04 0.70
N LYS B 109 -19.89 -1.92 0.53
CA LYS B 109 -19.26 -0.76 -0.11
C LYS B 109 -17.85 -0.36 0.29
N LYS B 110 -17.57 -0.28 1.58
CA LYS B 110 -16.23 0.12 2.00
C LYS B 110 -15.19 -0.90 1.58
N ALA B 111 -15.55 -2.18 1.66
CA ALA B 111 -14.64 -3.25 1.29
C ALA B 111 -14.39 -3.21 -0.21
N ARG B 112 -15.45 -2.91 -0.96
CA ARG B 112 -15.38 -2.81 -2.41
C ARG B 112 -14.50 -1.60 -2.80
N GLU B 113 -14.58 -0.51 -2.06
CA GLU B 113 -13.76 0.66 -2.34
C GLU B 113 -12.28 0.36 -2.09
N ARG B 114 -12.00 -0.39 -1.03
CA ARG B 114 -10.63 -0.74 -0.72
C ARG B 114 -10.07 -1.82 -1.63
N MET B 115 -10.91 -2.77 -2.02
CA MET B 115 -10.48 -3.83 -2.93
C MET B 115 -10.08 -3.18 -4.26
N ASP B 116 -10.85 -2.19 -4.70
CA ASP B 116 -10.57 -1.49 -5.95
C ASP B 116 -9.24 -0.77 -5.92
N ALA B 117 -8.94 -0.18 -4.77
CA ALA B 117 -7.70 0.54 -4.55
C ALA B 117 -6.54 -0.44 -4.62
N GLU B 118 -6.76 -1.62 -4.07
CA GLU B 118 -5.75 -2.67 -4.08
C GLU B 118 -5.57 -3.26 -5.47
N LEU B 119 -6.67 -3.36 -6.22
CA LEU B 119 -6.61 -3.91 -7.57
C LEU B 119 -5.79 -3.05 -8.50
N ALA B 120 -5.71 -1.77 -8.16
CA ALA B 120 -4.92 -0.82 -8.96
C ALA B 120 -3.43 -1.06 -8.85
N GLN B 121 -3.01 -1.90 -7.91
CA GLN B 121 -1.58 -2.20 -7.77
C GLN B 121 -1.22 -3.47 -8.52
N VAL B 122 -2.21 -4.09 -9.15
CA VAL B 122 -2.03 -5.33 -9.87
C VAL B 122 -1.22 -5.28 -11.16
N ASN B 123 -0.30 -6.23 -11.26
CA ASN B 123 0.61 -6.43 -12.40
C ASN B 123 1.77 -5.44 -12.49
CU CU C . 15.88 4.65 -5.04
CU CU D . -10.57 -6.98 11.85
#